data_3FB4
#
_entry.id   3FB4
#
_cell.length_a   92.639
_cell.length_b   46.506
_cell.length_c   62.669
_cell.angle_alpha   90.00
_cell.angle_beta   98.67
_cell.angle_gamma   90.00
#
_symmetry.space_group_name_H-M   'C 1 2 1'
#
loop_
_entity.id
_entity.type
_entity.pdbx_description
1 polymer 'Adenylate kinase'
2 non-polymer 'ZINC ION'
3 non-polymer "BIS(ADENOSINE)-5'-PENTAPHOSPHATE"
4 water water
#
_entity_poly.entity_id   1
_entity_poly.type   'polypeptide(L)'
_entity_poly.pdbx_seq_one_letter_code
;MNIVLMGLPGAGKGTQAEQIIEKYEIPHISTGDMFRAAIKNGTELGLKAKSFMDQGNLVPDEVTIGIVHERLSKDDCQKG
FLLDGFPRTVAQADALDSLLTDLGKKLDYVLNIKVEQEELMKRLTGRWICKTCGATYHTIFNPPAVEGICDKDGGELYQR
IDDKPETVKNRLDVNMKQTQPLLDFYSQKGVLKDIDGQQDIKKVFVDINDLLGGLR
;
_entity_poly.pdbx_strand_id   A
#
loop_
_chem_comp.id
_chem_comp.type
_chem_comp.name
_chem_comp.formula
AP5 non-polymer BIS(ADENOSINE)-5'-PENTAPHOSPHATE 'C20 H29 N10 O22 P5'
ZN non-polymer 'ZINC ION' 'Zn 2'
#
# COMPACT_ATOMS: atom_id res chain seq x y z
N MET A 1 4.93 -15.94 -6.19
CA MET A 1 5.48 -14.58 -6.50
C MET A 1 5.42 -13.66 -5.30
N ASN A 2 6.56 -13.03 -5.03
CA ASN A 2 6.73 -12.18 -3.85
C ASN A 2 6.90 -10.74 -4.33
N ILE A 3 5.84 -9.95 -4.13
CA ILE A 3 5.77 -8.62 -4.72
C ILE A 3 5.60 -7.52 -3.69
N VAL A 4 6.28 -6.39 -3.91
CA VAL A 4 6.11 -5.17 -3.12
C VAL A 4 5.49 -4.06 -3.99
N LEU A 5 4.44 -3.43 -3.49
CA LEU A 5 3.92 -2.19 -4.07
C LEU A 5 4.46 -0.99 -3.28
N MET A 6 5.22 -0.14 -3.94
CA MET A 6 5.65 1.08 -3.29
C MET A 6 5.12 2.27 -4.09
N GLY A 7 4.84 3.36 -3.41
CA GLY A 7 4.32 4.54 -4.10
C GLY A 7 3.96 5.54 -3.03
N LEU A 8 3.99 6.82 -3.41
CA LEU A 8 3.60 7.91 -2.53
C LEU A 8 2.08 7.83 -2.21
N PRO A 9 1.63 8.44 -1.09
CA PRO A 9 0.20 8.49 -0.78
C PRO A 9 -0.60 8.90 -2.01
N GLY A 10 -1.62 8.11 -2.34
CA GLY A 10 -2.48 8.39 -3.51
C GLY A 10 -2.04 7.77 -4.82
N ALA A 11 -0.90 7.08 -4.85
CA ALA A 11 -0.36 6.59 -6.13
C ALA A 11 -1.21 5.47 -6.80
N GLY A 12 -2.08 4.84 -6.03
CA GLY A 12 -2.94 3.78 -6.55
C GLY A 12 -2.61 2.36 -6.11
N LYS A 13 -1.84 2.22 -5.04
CA LYS A 13 -1.46 0.89 -4.49
C LYS A 13 -2.64 -0.04 -4.18
N GLY A 14 -3.62 0.43 -3.42
CA GLY A 14 -4.79 -0.40 -3.06
C GLY A 14 -5.63 -0.75 -4.28
N THR A 15 -5.85 0.24 -5.13
CA THR A 15 -6.58 0.03 -6.38
C THR A 15 -5.91 -1.04 -7.25
N GLN A 16 -4.58 -1.01 -7.35
CA GLN A 16 -3.89 -2.01 -8.17
C GLN A 16 -3.83 -3.37 -7.48
N ALA A 17 -3.73 -3.34 -6.14
CA ALA A 17 -3.74 -4.56 -5.34
C ALA A 17 -5.03 -5.36 -5.56
N GLU A 18 -6.19 -4.67 -5.61
CA GLU A 18 -7.47 -5.30 -5.89
C GLU A 18 -7.36 -6.08 -7.25
N GLN A 19 -6.75 -5.47 -8.27
CA GLN A 19 -6.60 -6.09 -9.61
C GLN A 19 -5.66 -7.28 -9.56
N ILE A 20 -4.57 -7.12 -8.82
CA ILE A 20 -3.50 -8.13 -8.75
C ILE A 20 -4.07 -9.38 -8.10
N ILE A 21 -4.73 -9.22 -6.95
CA ILE A 21 -5.13 -10.41 -6.16
C ILE A 21 -6.32 -11.13 -6.81
N GLU A 22 -7.12 -10.38 -7.57
CA GLU A 22 -8.12 -11.02 -8.39
C GLU A 22 -7.53 -11.97 -9.42
N LYS A 23 -6.41 -11.62 -10.05
CA LYS A 23 -5.83 -12.47 -11.09
C LYS A 23 -4.96 -13.57 -10.49
N TYR A 24 -4.23 -13.25 -9.41
CA TYR A 24 -3.14 -14.13 -8.94
C TYR A 24 -3.34 -14.80 -7.61
N GLU A 25 -4.24 -14.32 -6.77
CA GLU A 25 -4.61 -15.11 -5.59
C GLU A 25 -3.34 -15.43 -4.75
N ILE A 26 -2.64 -14.35 -4.41
CA ILE A 26 -1.64 -14.31 -3.37
C ILE A 26 -2.30 -13.45 -2.28
N PRO A 27 -1.88 -13.61 -1.01
CA PRO A 27 -2.52 -12.73 -0.02
C PRO A 27 -2.05 -11.26 -0.12
N HIS A 28 -2.98 -10.36 0.16
CA HIS A 28 -2.71 -8.94 0.20
C HIS A 28 -2.34 -8.53 1.62
N ILE A 29 -1.08 -8.17 1.83
CA ILE A 29 -0.62 -7.80 3.15
C ILE A 29 -0.39 -6.27 3.14
N SER A 30 -1.25 -5.53 3.83
CA SER A 30 -1.10 -4.08 3.92
C SER A 30 -0.83 -3.68 5.37
N THR A 31 0.27 -2.96 5.62
CA THR A 31 0.55 -2.43 6.98
C THR A 31 -0.52 -1.44 7.45
N GLY A 32 -1.01 -0.57 6.56
CA GLY A 32 -2.18 0.29 6.88
C GLY A 32 -3.38 -0.50 7.35
N ASP A 33 -3.73 -1.58 6.63
CA ASP A 33 -4.86 -2.42 7.05
C ASP A 33 -4.61 -3.13 8.38
N MET A 34 -3.35 -3.54 8.61
CA MET A 34 -2.99 -4.23 9.85
C MET A 34 -3.15 -3.27 11.01
N PHE A 35 -2.68 -2.03 10.83
CA PHE A 35 -2.83 -1.01 11.89
C PHE A 35 -4.30 -0.69 12.11
N ARG A 36 -5.07 -0.53 11.04
CA ARG A 36 -6.50 -0.29 11.19
C ARG A 36 -7.23 -1.45 11.90
N ALA A 37 -6.82 -2.70 11.68
CA ALA A 37 -7.43 -3.84 12.39
C ALA A 37 -7.02 -3.87 13.89
N ALA A 38 -5.75 -3.53 14.18
CA ALA A 38 -5.34 -3.39 15.56
C ALA A 38 -6.13 -2.31 16.26
N ILE A 39 -6.44 -1.19 15.56
CA ILE A 39 -7.29 -0.11 16.11
C ILE A 39 -8.72 -0.59 16.38
N LYS A 40 -9.42 -1.13 15.37
CA LYS A 40 -10.72 -1.80 15.58
C LYS A 40 -10.72 -2.75 16.78
N ASN A 41 -9.69 -3.58 16.92
CA ASN A 41 -9.55 -4.51 18.06
C ASN A 41 -9.15 -3.86 19.38
N GLY A 42 -8.90 -2.56 19.37
CA GLY A 42 -8.49 -1.81 20.56
C GLY A 42 -7.18 -2.24 21.26
N THR A 43 -6.24 -2.81 20.55
CA THR A 43 -4.97 -3.23 21.22
C THR A 43 -4.07 -2.02 21.53
N GLU A 44 -3.04 -2.24 22.36
CA GLU A 44 -2.15 -1.18 22.85
C GLU A 44 -1.34 -0.64 21.67
N LEU A 45 -0.83 -1.57 20.87
CA LEU A 45 -0.14 -1.27 19.61
C LEU A 45 -0.99 -0.45 18.62
N GLY A 46 -2.26 -0.85 18.42
CA GLY A 46 -3.18 -0.11 17.57
C GLY A 46 -3.44 1.31 18.03
N LEU A 47 -3.75 1.44 19.31
CA LEU A 47 -3.97 2.74 19.94
C LEU A 47 -2.75 3.63 19.86
N LYS A 48 -1.56 3.06 20.05
CA LYS A 48 -0.32 3.81 19.87
C LYS A 48 -0.05 4.19 18.43
N ALA A 49 -0.42 3.36 17.46
CA ALA A 49 -0.20 3.71 16.05
C ALA A 49 -1.16 4.82 15.57
N LYS A 50 -2.36 4.84 16.12
CA LYS A 50 -3.43 5.75 15.65
C LYS A 50 -2.99 7.22 15.60
N SER A 51 -2.26 7.69 16.62
CA SER A 51 -1.91 9.12 16.63
C SER A 51 -1.03 9.45 15.43
N PHE A 52 -0.06 8.56 15.13
CA PHE A 52 0.83 8.76 13.96
C PHE A 52 0.04 8.82 12.66
N MET A 53 -0.79 7.81 12.43
CA MET A 53 -1.60 7.73 11.22
C MET A 53 -2.53 8.95 11.01
N ASP A 54 -3.22 9.36 12.08
CA ASP A 54 -4.09 10.56 11.99
C ASP A 54 -3.37 11.85 11.58
N GLN A 55 -2.07 11.90 11.91
CA GLN A 55 -1.25 13.07 11.67
C GLN A 55 -0.53 12.98 10.32
N GLY A 56 -0.60 11.80 9.69
CA GLY A 56 0.09 11.55 8.42
C GLY A 56 1.57 11.23 8.65
N ASN A 57 1.94 10.94 9.91
CA ASN A 57 3.33 10.54 10.23
C ASN A 57 3.56 9.04 10.09
N LEU A 58 4.79 8.64 9.78
CA LEU A 58 5.08 7.21 9.78
C LEU A 58 5.08 6.68 11.19
N VAL A 59 4.41 5.55 11.39
CA VAL A 59 4.60 4.70 12.59
C VAL A 59 6.08 4.27 12.69
N PRO A 60 6.67 4.33 13.90
CA PRO A 60 8.08 3.95 14.06
C PRO A 60 8.39 2.54 13.54
N ASP A 61 9.62 2.35 13.07
CA ASP A 61 10.01 1.12 12.39
C ASP A 61 9.90 -0.10 13.27
N GLU A 62 10.20 0.03 14.57
CA GLU A 62 10.34 -1.17 15.41
C GLU A 62 9.04 -1.95 15.49
N VAL A 63 7.97 -1.25 15.92
CA VAL A 63 6.61 -1.79 15.91
C VAL A 63 6.21 -2.39 14.57
N THR A 64 6.48 -1.66 13.49
CA THR A 64 5.94 -2.00 12.16
C THR A 64 6.64 -3.27 11.67
N ILE A 65 7.96 -3.29 11.84
CA ILE A 65 8.73 -4.45 11.45
C ILE A 65 8.23 -5.72 12.20
N GLY A 66 7.93 -5.59 13.48
CA GLY A 66 7.49 -6.73 14.30
C GLY A 66 6.16 -7.32 13.82
N ILE A 67 5.24 -6.46 13.40
CA ILE A 67 3.95 -6.97 12.93
C ILE A 67 4.04 -7.63 11.56
N VAL A 68 4.89 -7.08 10.69
CA VAL A 68 5.11 -7.66 9.37
C VAL A 68 5.86 -8.99 9.48
N HIS A 69 6.87 -9.01 10.33
CA HIS A 69 7.59 -10.27 10.60
C HIS A 69 6.60 -11.39 10.98
N GLU A 70 5.76 -11.15 11.98
CA GLU A 70 4.73 -12.11 12.43
C GLU A 70 3.75 -12.52 11.28
N ARG A 71 3.24 -11.55 10.53
CA ARG A 71 2.27 -11.83 9.47
C ARG A 71 2.86 -12.68 8.37
N LEU A 72 4.07 -12.34 7.92
CA LEU A 72 4.67 -13.01 6.77
C LEU A 72 5.19 -14.40 7.10
N SER A 73 5.34 -14.71 8.39
CA SER A 73 5.76 -16.06 8.81
C SER A 73 4.62 -17.08 8.78
N LYS A 74 3.38 -16.61 8.57
CA LYS A 74 2.23 -17.51 8.51
C LYS A 74 2.26 -18.41 7.27
N ASP A 75 1.60 -19.57 7.38
CA ASP A 75 1.55 -20.55 6.30
C ASP A 75 1.01 -20.00 4.99
N ASP A 76 0.07 -19.06 5.03
CA ASP A 76 -0.56 -18.52 3.84
C ASP A 76 0.34 -17.58 3.00
N CYS A 77 1.49 -17.18 3.55
CA CYS A 77 2.43 -16.35 2.82
C CYS A 77 3.55 -17.10 2.15
N GLN A 78 3.53 -18.42 2.24
CA GLN A 78 4.66 -19.23 1.79
C GLN A 78 4.61 -19.59 0.29
N LYS A 79 3.48 -19.37 -0.37
CA LYS A 79 3.41 -19.57 -1.82
C LYS A 79 3.16 -18.25 -2.54
N GLY A 80 3.75 -17.17 -2.02
CA GLY A 80 3.57 -15.83 -2.61
C GLY A 80 2.81 -14.86 -1.74
N PHE A 81 3.04 -13.57 -1.98
CA PHE A 81 2.37 -12.51 -1.24
C PHE A 81 2.47 -11.18 -2.02
N LEU A 82 1.54 -10.29 -1.73
CA LEU A 82 1.57 -8.89 -2.18
C LEU A 82 1.65 -7.93 -0.99
N LEU A 83 2.85 -7.38 -0.78
CA LEU A 83 3.06 -6.40 0.27
C LEU A 83 2.75 -5.01 -0.26
N ASP A 84 1.99 -4.24 0.49
CA ASP A 84 1.40 -2.98 0.02
C ASP A 84 1.65 -1.95 1.14
N GLY A 85 2.58 -1.03 0.91
CA GLY A 85 2.89 0.07 1.83
C GLY A 85 3.97 -0.30 2.86
N PHE A 86 4.59 -1.45 2.65
CA PHE A 86 5.77 -1.93 3.42
C PHE A 86 6.74 -2.54 2.42
N PRO A 87 8.05 -2.20 2.50
CA PRO A 87 8.71 -1.24 3.41
C PRO A 87 8.52 0.21 2.95
N ARG A 88 8.64 1.13 3.90
CA ARG A 88 8.53 2.59 3.66
C ARG A 88 9.80 3.29 4.05
N THR A 89 10.76 2.50 4.53
CA THR A 89 11.97 3.03 5.14
C THR A 89 13.10 2.04 4.84
N VAL A 90 14.34 2.49 4.70
CA VAL A 90 15.49 1.55 4.47
C VAL A 90 15.62 0.53 5.62
N ALA A 91 15.44 0.97 6.85
CA ALA A 91 15.42 0.06 8.01
C ALA A 91 14.38 -1.06 7.85
N GLN A 92 13.21 -0.70 7.36
CA GLN A 92 12.18 -1.69 7.07
C GLN A 92 12.61 -2.60 5.90
N ALA A 93 13.22 -2.04 4.86
CA ALA A 93 13.69 -2.87 3.74
C ALA A 93 14.82 -3.83 4.15
N ASP A 94 15.74 -3.35 4.99
CA ASP A 94 16.78 -4.17 5.60
C ASP A 94 16.20 -5.38 6.37
N ALA A 95 15.23 -5.08 7.24
CA ALA A 95 14.60 -6.07 8.07
C ALA A 95 13.83 -7.08 7.24
N LEU A 96 13.15 -6.64 6.18
CA LEU A 96 12.39 -7.54 5.34
C LEU A 96 13.33 -8.50 4.58
N ASP A 97 14.47 -7.96 4.19
CA ASP A 97 15.45 -8.75 3.50
C ASP A 97 16.00 -9.90 4.38
N SER A 98 16.34 -9.62 5.64
CA SER A 98 16.67 -10.66 6.64
C SER A 98 15.55 -11.70 6.87
N LEU A 99 14.36 -11.20 7.10
CA LEU A 99 13.18 -11.98 7.40
C LEU A 99 12.97 -12.96 6.25
N LEU A 100 13.02 -12.44 5.00
CA LEU A 100 12.80 -13.27 3.80
C LEU A 100 13.86 -14.36 3.66
N THR A 101 15.12 -14.00 3.88
CA THR A 101 16.22 -14.97 3.90
C THR A 101 15.96 -16.10 4.92
N ASP A 102 15.55 -15.73 6.13
CA ASP A 102 15.21 -16.74 7.15
C ASP A 102 14.05 -17.64 6.76
N LEU A 103 13.17 -17.17 5.86
CA LEU A 103 12.04 -18.00 5.40
C LEU A 103 12.39 -18.80 4.12
N GLY A 104 13.63 -18.60 3.64
CA GLY A 104 14.13 -19.22 2.39
C GLY A 104 13.48 -18.60 1.14
N LYS A 105 13.19 -17.29 1.24
CA LYS A 105 12.45 -16.54 0.20
C LYS A 105 13.20 -15.31 -0.29
N LYS A 106 12.82 -14.82 -1.47
CA LYS A 106 13.25 -13.48 -1.88
C LYS A 106 12.17 -12.76 -2.69
N LEU A 107 12.25 -11.44 -2.75
CA LEU A 107 11.37 -10.65 -3.60
C LEU A 107 11.59 -10.91 -5.11
N ASP A 108 10.50 -10.95 -5.86
CA ASP A 108 10.50 -10.97 -7.33
C ASP A 108 10.57 -9.55 -7.88
N TYR A 109 9.62 -8.70 -7.48
CA TYR A 109 9.62 -7.32 -7.95
C TYR A 109 9.21 -6.38 -6.86
N VAL A 110 9.80 -5.18 -6.89
CA VAL A 110 9.30 -4.01 -6.15
C VAL A 110 8.77 -3.04 -7.20
N LEU A 111 7.46 -2.87 -7.20
CA LEU A 111 6.80 -2.03 -8.19
C LEU A 111 6.64 -0.62 -7.63
N ASN A 112 7.41 0.30 -8.21
CA ASN A 112 7.38 1.69 -7.80
C ASN A 112 6.34 2.42 -8.67
N ILE A 113 5.15 2.66 -8.11
CA ILE A 113 4.07 3.26 -8.90
C ILE A 113 4.26 4.79 -8.91
N LYS A 114 4.63 5.34 -10.07
CA LYS A 114 4.98 6.78 -10.14
C LYS A 114 3.84 7.67 -10.59
N VAL A 115 3.56 8.72 -9.83
CA VAL A 115 2.49 9.69 -10.14
C VAL A 115 2.94 11.12 -9.70
N GLU A 116 2.64 12.12 -10.53
CA GLU A 116 2.96 13.53 -10.26
C GLU A 116 2.23 14.01 -9.01
N GLN A 117 2.88 14.88 -8.23
CA GLN A 117 2.33 15.44 -6.97
C GLN A 117 0.93 16.01 -7.08
N GLU A 118 0.67 16.77 -8.15
CA GLU A 118 -0.59 17.48 -8.30
C GLU A 118 -1.68 16.43 -8.42
N GLU A 119 -1.40 15.39 -9.22
CA GLU A 119 -2.35 14.29 -9.39
C GLU A 119 -2.61 13.52 -8.09
N LEU A 120 -1.57 13.28 -7.32
CA LEU A 120 -1.71 12.69 -5.97
C LEU A 120 -2.68 13.47 -5.09
N MET A 121 -2.56 14.81 -5.09
CA MET A 121 -3.46 15.64 -4.26
C MET A 121 -4.91 15.62 -4.79
N LYS A 122 -5.08 15.69 -6.11
CA LYS A 122 -6.40 15.56 -6.74
C LYS A 122 -7.05 14.21 -6.36
N ARG A 123 -6.26 13.13 -6.44
CA ARG A 123 -6.76 11.79 -6.05
C ARG A 123 -7.19 11.68 -4.58
N LEU A 124 -6.35 12.14 -3.65
CA LEU A 124 -6.71 12.05 -2.22
C LEU A 124 -7.86 12.98 -1.81
N THR A 125 -7.98 14.10 -2.49
CA THR A 125 -9.08 15.05 -2.24
C THR A 125 -10.45 14.48 -2.62
N GLY A 126 -10.51 13.66 -3.66
CA GLY A 126 -11.81 13.13 -4.14
C GLY A 126 -12.08 11.71 -3.74
N ARG A 127 -11.24 11.16 -2.88
CA ARG A 127 -11.40 9.78 -2.48
C ARG A 127 -12.50 9.50 -1.47
N TRP A 128 -13.24 8.40 -1.68
CA TRP A 128 -14.25 7.82 -0.75
C TRP A 128 -13.97 6.33 -0.60
N ILE A 129 -14.13 5.79 0.60
CA ILE A 129 -13.72 4.41 0.87
C ILE A 129 -14.86 3.65 1.51
N CYS A 130 -15.04 2.38 1.17
CA CYS A 130 -16.05 1.58 1.84
C CYS A 130 -15.66 1.24 3.30
N LYS A 131 -16.53 1.60 4.25
CA LYS A 131 -16.28 1.31 5.67
C LYS A 131 -16.25 -0.19 5.94
N THR A 132 -16.95 -0.97 5.12
CA THR A 132 -16.94 -2.44 5.26
C THR A 132 -15.77 -3.16 4.59
N CYS A 133 -15.54 -2.92 3.31
CA CYS A 133 -14.56 -3.77 2.62
C CYS A 133 -13.30 -3.03 2.28
N GLY A 134 -13.31 -1.70 2.41
CA GLY A 134 -12.10 -0.94 2.09
C GLY A 134 -11.88 -0.62 0.62
N ALA A 135 -12.79 -1.02 -0.26
CA ALA A 135 -12.69 -0.62 -1.69
C ALA A 135 -12.68 0.91 -1.75
N THR A 136 -11.87 1.45 -2.66
CA THR A 136 -11.75 2.91 -2.81
C THR A 136 -12.32 3.39 -4.14
N TYR A 137 -12.92 4.58 -4.09
CA TYR A 137 -13.57 5.26 -5.23
C TYR A 137 -13.05 6.67 -5.30
N HIS A 138 -13.41 7.37 -6.38
CA HIS A 138 -13.01 8.77 -6.54
C HIS A 138 -14.17 9.45 -7.22
N THR A 139 -14.61 10.56 -6.65
CA THR A 139 -15.78 11.30 -7.09
C THR A 139 -15.76 11.59 -8.57
N ILE A 140 -14.57 11.88 -9.11
CA ILE A 140 -14.42 12.18 -10.53
C ILE A 140 -13.88 10.96 -11.29
N PHE A 141 -12.75 10.46 -10.83
CA PHE A 141 -11.96 9.52 -11.63
C PHE A 141 -12.45 8.06 -11.58
N ASN A 142 -13.24 7.69 -10.56
CA ASN A 142 -13.66 6.28 -10.35
C ASN A 142 -14.89 6.23 -9.44
N PRO A 143 -16.01 6.81 -9.88
CA PRO A 143 -17.12 6.95 -8.94
C PRO A 143 -17.87 5.64 -8.75
N PRO A 144 -18.54 5.49 -7.59
CA PRO A 144 -19.41 4.35 -7.34
C PRO A 144 -20.64 4.48 -8.26
N ALA A 145 -21.40 3.40 -8.43
CA ALA A 145 -22.57 3.46 -9.32
C ALA A 145 -23.61 4.45 -8.76
N VAL A 146 -23.78 4.40 -7.43
CA VAL A 146 -24.70 5.30 -6.71
C VAL A 146 -23.87 5.98 -5.67
N GLU A 147 -24.02 7.32 -5.55
CA GLU A 147 -23.19 8.13 -4.67
C GLU A 147 -23.30 7.68 -3.19
N GLY A 148 -22.19 7.51 -2.49
CA GLY A 148 -22.27 7.11 -1.06
C GLY A 148 -22.40 5.60 -0.78
N ILE A 149 -22.53 4.78 -1.81
CA ILE A 149 -22.75 3.32 -1.64
C ILE A 149 -21.64 2.51 -2.31
N CYS A 150 -21.01 1.58 -1.58
CA CYS A 150 -20.04 0.67 -2.19
C CYS A 150 -20.72 -0.25 -3.23
N ASP A 151 -20.17 -0.32 -4.45
CA ASP A 151 -20.70 -1.20 -5.54
C ASP A 151 -20.73 -2.68 -5.20
N LYS A 152 -19.81 -3.12 -4.36
CA LYS A 152 -19.64 -4.55 -4.06
C LYS A 152 -20.62 -5.18 -3.07
N ASP A 153 -21.03 -4.40 -2.08
CA ASP A 153 -21.72 -4.93 -0.89
C ASP A 153 -22.77 -3.98 -0.32
N GLY A 154 -22.99 -2.83 -0.94
CA GLY A 154 -23.96 -1.87 -0.38
C GLY A 154 -23.48 -1.10 0.85
N GLY A 155 -22.18 -1.15 1.17
CA GLY A 155 -21.63 -0.49 2.36
C GLY A 155 -21.62 1.04 2.27
N GLU A 156 -21.43 1.69 3.43
CA GLU A 156 -21.33 3.15 3.48
C GLU A 156 -19.90 3.61 3.11
N LEU A 157 -19.80 4.67 2.34
CA LEU A 157 -18.51 5.24 1.96
C LEU A 157 -18.16 6.33 2.97
N TYR A 158 -16.89 6.44 3.31
CA TYR A 158 -16.42 7.49 4.24
C TYR A 158 -15.14 8.18 3.70
N GLN A 159 -14.76 9.31 4.30
CA GLN A 159 -13.53 10.02 3.89
C GLN A 159 -12.49 9.81 4.96
N ARG A 160 -11.30 9.34 4.58
CA ARG A 160 -10.26 9.09 5.57
C ARG A 160 -9.79 10.40 6.20
N ILE A 161 -9.60 10.39 7.52
CA ILE A 161 -9.21 11.65 8.23
C ILE A 161 -7.86 12.20 7.76
N ASP A 162 -6.96 11.30 7.37
CA ASP A 162 -5.64 11.74 6.89
C ASP A 162 -5.66 12.28 5.46
N ASP A 163 -6.82 12.25 4.79
CA ASP A 163 -6.95 12.79 3.42
C ASP A 163 -7.16 14.31 3.37
N LYS A 164 -7.28 14.96 4.53
CA LYS A 164 -7.36 16.44 4.58
C LYS A 164 -6.07 17.06 4.03
N PRO A 165 -6.19 18.20 3.28
CA PRO A 165 -5.02 18.72 2.56
C PRO A 165 -3.80 18.96 3.46
N GLU A 166 -4.00 19.46 4.68
CA GLU A 166 -2.82 19.72 5.54
C GLU A 166 -2.16 18.41 5.94
N THR A 167 -2.97 17.38 6.20
CA THR A 167 -2.37 16.09 6.50
C THR A 167 -1.68 15.42 5.29
N VAL A 168 -2.27 15.58 4.11
CA VAL A 168 -1.71 15.06 2.85
C VAL A 168 -0.32 15.67 2.60
N LYS A 169 -0.22 16.97 2.81
CA LYS A 169 1.07 17.67 2.73
C LYS A 169 2.10 16.99 3.63
N ASN A 170 1.76 16.76 4.90
CA ASN A 170 2.67 16.05 5.82
C ASN A 170 3.06 14.61 5.35
N ARG A 171 2.07 13.88 4.86
CA ARG A 171 2.30 12.56 4.31
C ARG A 171 3.25 12.55 3.14
N LEU A 172 3.08 13.50 2.21
CA LEU A 172 3.96 13.56 1.03
C LEU A 172 5.38 13.92 1.48
N ASP A 173 5.46 14.89 2.39
CA ASP A 173 6.75 15.38 2.96
C ASP A 173 7.51 14.17 3.52
N VAL A 174 6.87 13.49 4.45
CA VAL A 174 7.47 12.44 5.22
C VAL A 174 7.84 11.20 4.37
N ASN A 175 6.98 10.89 3.40
CA ASN A 175 7.17 9.75 2.55
C ASN A 175 8.14 10.04 1.40
N MET A 176 8.11 11.25 0.83
CA MET A 176 9.12 11.65 -0.17
C MET A 176 10.57 11.60 0.35
N LYS A 177 10.78 11.93 1.63
CA LYS A 177 12.11 11.91 2.21
C LYS A 177 12.70 10.50 2.21
N GLN A 178 11.82 9.49 2.11
CA GLN A 178 12.21 8.07 2.09
C GLN A 178 12.36 7.46 0.71
N THR A 179 11.86 8.13 -0.33
CA THR A 179 11.81 7.55 -1.68
C THR A 179 13.19 7.21 -2.24
N GLN A 180 14.10 8.18 -2.27
CA GLN A 180 15.39 7.96 -2.92
C GLN A 180 16.22 6.91 -2.17
N PRO A 181 16.25 6.94 -0.82
CA PRO A 181 16.92 5.83 -0.06
C PRO A 181 16.38 4.42 -0.38
N LEU A 182 15.06 4.30 -0.52
CA LEU A 182 14.42 3.07 -0.86
C LEU A 182 14.74 2.65 -2.30
N LEU A 183 14.64 3.58 -3.24
CA LEU A 183 15.02 3.30 -4.64
C LEU A 183 16.47 2.85 -4.80
N ASP A 184 17.38 3.52 -4.12
CA ASP A 184 18.80 3.12 -4.08
C ASP A 184 19.01 1.73 -3.47
N PHE A 185 18.33 1.41 -2.37
CA PHE A 185 18.36 0.07 -1.77
C PHE A 185 17.99 -1.01 -2.80
N TYR A 186 16.91 -0.81 -3.55
CA TYR A 186 16.41 -1.86 -4.46
C TYR A 186 16.98 -1.87 -5.88
N SER A 187 17.45 -0.72 -6.35
CA SER A 187 18.14 -0.59 -7.65
C SER A 187 19.38 -1.49 -7.68
N GLN A 188 20.06 -1.55 -6.54
CA GLN A 188 21.16 -2.45 -6.29
C GLN A 188 20.76 -3.93 -6.37
N LYS A 189 19.58 -4.25 -5.86
CA LYS A 189 19.08 -5.63 -5.71
C LYS A 189 18.53 -6.18 -7.01
N GLY A 190 18.45 -5.35 -8.06
CA GLY A 190 17.91 -5.76 -9.36
C GLY A 190 16.45 -6.20 -9.42
N VAL A 191 15.60 -5.66 -8.52
CA VAL A 191 14.17 -6.04 -8.40
C VAL A 191 13.18 -4.86 -8.66
N LEU A 192 13.72 -3.67 -8.77
CA LEU A 192 12.93 -2.45 -8.90
C LEU A 192 12.46 -2.27 -10.34
N LYS A 193 11.17 -2.01 -10.47
CA LYS A 193 10.53 -1.69 -11.74
C LYS A 193 9.64 -0.47 -11.52
N ASP A 194 9.83 0.56 -12.32
CA ASP A 194 8.97 1.76 -12.22
C ASP A 194 7.74 1.54 -13.05
N ILE A 195 6.58 1.91 -12.51
CA ILE A 195 5.32 1.77 -13.24
C ILE A 195 4.77 3.19 -13.36
N ASP A 196 4.36 3.55 -14.56
CA ASP A 196 3.64 4.78 -14.80
C ASP A 196 2.24 4.62 -14.23
N GLY A 197 2.03 5.23 -13.06
CA GLY A 197 0.74 5.12 -12.38
C GLY A 197 -0.29 6.11 -12.88
N GLN A 198 0.14 7.02 -13.75
CA GLN A 198 -0.70 8.11 -14.25
C GLN A 198 -1.41 7.74 -15.58
N GLN A 199 -2.22 6.70 -15.50
CA GLN A 199 -3.02 6.25 -16.63
C GLN A 199 -4.35 5.83 -16.07
N ASP A 200 -5.26 5.43 -16.96
CA ASP A 200 -6.50 4.78 -16.57
C ASP A 200 -6.13 3.59 -15.69
N ILE A 201 -6.96 3.30 -14.70
CA ILE A 201 -6.76 2.18 -13.78
C ILE A 201 -6.41 0.87 -14.52
N LYS A 202 -7.19 0.53 -15.54
CA LYS A 202 -6.95 -0.73 -16.24
C LYS A 202 -5.67 -0.75 -17.08
N LYS A 203 -5.16 0.41 -17.41
CA LYS A 203 -3.98 0.53 -18.26
C LYS A 203 -2.72 0.52 -17.42
N VAL A 204 -2.75 1.07 -16.21
CA VAL A 204 -1.71 0.82 -15.22
C VAL A 204 -1.59 -0.71 -15.02
N PHE A 205 -2.72 -1.39 -14.85
CA PHE A 205 -2.68 -2.82 -14.63
C PHE A 205 -2.14 -3.59 -15.84
N VAL A 206 -2.40 -3.11 -17.07
CA VAL A 206 -1.75 -3.73 -18.23
C VAL A 206 -0.24 -3.84 -17.98
N ASP A 207 0.36 -2.76 -17.49
CA ASP A 207 1.82 -2.69 -17.33
C ASP A 207 2.30 -3.59 -16.21
N ILE A 208 1.54 -3.59 -15.12
CA ILE A 208 1.89 -4.44 -13.98
C ILE A 208 1.76 -5.91 -14.38
N ASN A 209 0.65 -6.25 -15.03
CA ASN A 209 0.33 -7.61 -15.44
C ASN A 209 1.34 -8.20 -16.42
N ASP A 210 1.87 -7.35 -17.28
CA ASP A 210 2.94 -7.74 -18.18
C ASP A 210 4.10 -8.34 -17.38
N LEU A 211 4.48 -7.69 -16.28
CA LEU A 211 5.56 -8.17 -15.40
C LEU A 211 5.17 -9.45 -14.65
N LEU A 212 4.05 -9.40 -13.95
CA LEU A 212 3.60 -10.50 -13.10
C LEU A 212 3.32 -11.76 -13.88
N GLY A 213 2.72 -11.61 -15.07
CA GLY A 213 2.33 -12.75 -15.92
C GLY A 213 3.53 -13.53 -16.45
N GLY A 214 4.69 -12.88 -16.50
CA GLY A 214 5.93 -13.51 -16.95
C GLY A 214 6.70 -14.26 -15.88
N LEU A 215 6.15 -14.28 -14.66
CA LEU A 215 6.73 -15.00 -13.54
C LEU A 215 6.14 -16.41 -13.48
ZN ZN B . -17.51 -2.35 0.10
PA AP5 C . -5.73 4.37 -3.69
O1A AP5 C . -5.54 3.12 -4.46
O2A AP5 C . -6.66 4.28 -2.54
O3A AP5 C . -4.27 4.89 -3.29
PB AP5 C . -3.14 4.27 -2.32
O1B AP5 C . -1.88 4.50 -3.11
O2B AP5 C . -3.37 2.87 -1.90
O3B AP5 C . -3.03 5.47 -1.26
PG AP5 C . -3.18 5.52 0.32
O1G AP5 C . -3.52 6.89 0.69
O2G AP5 C . -4.19 4.53 0.84
O3G AP5 C . -1.68 5.16 0.65
PD AP5 C . -0.98 5.30 2.08
O1D AP5 C . 0.36 4.61 1.91
O2D AP5 C . -0.96 6.78 2.35
O3D AP5 C . -1.93 4.54 3.10
PE AP5 C . -1.76 3.25 4.07
O1E AP5 C . -3.13 2.80 4.39
O2E AP5 C . -0.80 2.23 3.54
O5F AP5 C . -6.10 5.58 -4.68
C5F AP5 C . -6.17 6.94 -4.21
C4F AP5 C . -7.34 7.63 -4.94
O4F AP5 C . -7.10 7.68 -6.33
C3F AP5 C . -8.63 6.84 -4.80
O3F AP5 C . -9.71 7.74 -4.69
C2F AP5 C . -8.76 6.07 -6.09
O2F AP5 C . -10.10 5.79 -6.45
C1F AP5 C . -8.06 6.95 -7.10
N9A AP5 C . -7.25 6.22 -8.12
C8A AP5 C . -6.45 5.09 -7.95
N7A AP5 C . -5.83 4.86 -9.14
C5A AP5 C . -6.19 5.84 -10.04
C6A AP5 C . -5.91 6.09 -11.40
N6A AP5 C . -5.12 5.29 -12.13
N1A AP5 C . -6.47 7.19 -12.01
C2A AP5 C . -7.32 8.04 -11.32
N3A AP5 C . -7.62 7.77 -10.01
C4A AP5 C . -7.09 6.68 -9.40
O5J AP5 C . -1.07 3.86 5.39
C5J AP5 C . -1.72 4.82 6.19
C4J AP5 C . -0.82 5.21 7.35
O4J AP5 C . -0.47 4.05 8.12
C3J AP5 C . 0.52 5.82 6.98
O3J AP5 C . 0.47 7.19 6.63
C2J AP5 C . 1.32 5.59 8.24
O2J AP5 C . 0.84 6.43 9.29
C1J AP5 C . 0.90 4.17 8.57
N9B AP5 C . 1.74 3.16 7.88
C8B AP5 C . 1.33 2.23 6.91
N7B AP5 C . 2.39 1.46 6.55
C5B AP5 C . 3.49 1.87 7.26
C6B AP5 C . 4.84 1.46 7.26
N6B AP5 C . 5.34 0.49 6.47
N1B AP5 C . 5.73 2.12 8.08
C2B AP5 C . 5.29 3.15 8.91
N3B AP5 C . 3.97 3.58 8.89
C4B AP5 C . 3.08 2.93 8.08
#